data_6Q6W
#
_entry.id   6Q6W
#
_cell.length_a   56.977
_cell.length_b   56.977
_cell.length_c   173.543
_cell.angle_alpha   90.000
_cell.angle_beta   90.000
_cell.angle_gamma   120.000
#
_symmetry.space_group_name_H-M   'P 62 2 2'
#
loop_
_entity.id
_entity.type
_entity.pdbx_description
1 polymer 'Fucose-binding lectin'
2 polymer SB5
3 non-polymer 'CALCIUM ION'
4 non-polymer '3,7-anhydro-2,8-dideoxy-L-glycero-D-gluco-octonic acid'
5 non-polymer 'AMINO GROUP'
6 water water
#
loop_
_entity_poly.entity_id
_entity_poly.type
_entity_poly.pdbx_seq_one_letter_code
_entity_poly.pdbx_strand_id
1 'polypeptide(L)'
;ATQGVFTLPANTRFGVTAFANSSGTQTVNVLVNNETAATFSGQSTNNAVIGTQVLNSGSSGKVQVQVSVNGRPSDLVSAQ
VILTNELNFALVGSEDGTDNDYNDAVVVINWPLG
;
A
2 'polypeptide(D)' (DTY)(DLY)(DLY)(DAL)(DLE)(DLY)(DLY)(DLE)(DAL)(DLY)(DLE)(DLE) B
#
# COMPACT_ATOMS: atom_id res chain seq x y z
N ALA A 1 3.57 -15.98 5.40
CA ALA A 1 2.18 -15.54 5.53
C ALA A 1 1.84 -14.51 4.47
N THR A 2 0.56 -14.47 4.08
CA THR A 2 0.08 -13.43 3.19
C THR A 2 0.30 -12.06 3.81
N GLN A 3 0.76 -11.12 3.00
CA GLN A 3 1.01 -9.75 3.45
C GLN A 3 0.38 -8.78 2.46
N GLY A 4 0.06 -7.58 2.96
CA GLY A 4 -0.53 -6.55 2.13
C GLY A 4 -2.01 -6.70 1.87
N VAL A 5 -2.70 -7.58 2.59
CA VAL A 5 -4.13 -7.77 2.45
C VAL A 5 -4.80 -7.31 3.74
N PHE A 6 -5.81 -6.46 3.62
CA PHE A 6 -6.46 -5.87 4.79
C PHE A 6 -7.97 -5.89 4.60
N THR A 7 -8.70 -6.22 5.65
CA THR A 7 -10.16 -6.15 5.66
C THR A 7 -10.57 -4.83 6.30
N LEU A 8 -11.12 -3.94 5.49
CA LEU A 8 -11.66 -2.68 5.96
C LEU A 8 -13.16 -2.81 6.17
N PRO A 9 -13.76 -1.92 6.95
CA PRO A 9 -15.22 -1.88 7.00
C PRO A 9 -15.77 -1.60 5.60
N ALA A 10 -16.93 -2.18 5.32
CA ALA A 10 -17.51 -2.08 3.98
C ALA A 10 -17.94 -0.65 3.68
N ASN A 11 -17.85 -0.29 2.40
CA ASN A 11 -18.36 0.98 1.88
C ASN A 11 -17.79 2.18 2.62
N THR A 12 -16.47 2.17 2.84
CA THR A 12 -15.79 3.18 3.64
C THR A 12 -14.66 3.80 2.82
N ARG A 13 -14.59 5.13 2.82
CA ARG A 13 -13.50 5.81 2.12
C ARG A 13 -12.20 5.65 2.90
N PHE A 14 -11.10 5.47 2.18
CA PHE A 14 -9.79 5.35 2.78
C PHE A 14 -8.76 6.05 1.89
N GLY A 15 -7.69 6.51 2.51
CA GLY A 15 -6.56 7.09 1.78
C GLY A 15 -5.49 6.05 1.57
N VAL A 16 -4.81 6.14 0.43
CA VAL A 16 -3.66 5.29 0.13
C VAL A 16 -2.56 6.15 -0.46
N THR A 17 -1.35 6.03 0.09
CA THR A 17 -0.23 6.89 -0.27
C THR A 17 1.01 6.03 -0.35
N ALA A 18 1.82 6.22 -1.39
CA ALA A 18 3.01 5.42 -1.62
C ALA A 18 4.25 6.31 -1.70
N PHE A 19 5.32 5.85 -1.05
CA PHE A 19 6.62 6.50 -1.06
C PHE A 19 7.65 5.55 -1.64
N ALA A 20 8.66 6.10 -2.31
CA ALA A 20 9.69 5.29 -2.95
C ALA A 20 11.07 5.58 -2.35
N ASN A 21 11.85 4.51 -2.15
CA ASN A 21 13.22 4.58 -1.62
C ASN A 21 14.06 3.49 -2.27
N SER A 22 14.31 3.64 -3.58
CA SER A 22 15.03 2.61 -4.34
C SER A 22 15.50 3.23 -5.64
N SER A 23 16.62 2.69 -6.15
CA SER A 23 17.06 3.13 -7.46
C SER A 23 16.21 2.56 -8.58
N GLY A 24 15.34 1.59 -8.30
CA GLY A 24 14.44 1.04 -9.29
C GLY A 24 13.06 1.65 -9.22
N THR A 25 12.46 1.85 -10.38
CA THR A 25 11.09 2.34 -10.46
C THR A 25 10.13 1.35 -9.80
N GLN A 26 9.30 1.86 -8.89
CA GLN A 26 8.35 1.05 -8.16
C GLN A 26 6.98 1.14 -8.82
N THR A 27 6.27 0.01 -8.87
CA THR A 27 4.89 -0.03 -9.33
C THR A 27 4.03 -0.53 -8.18
N VAL A 28 3.07 0.29 -7.75
CA VAL A 28 2.18 -0.06 -6.65
C VAL A 28 0.77 -0.20 -7.21
N ASN A 29 0.16 -1.37 -6.99
CA ASN A 29 -1.21 -1.63 -7.39
C ASN A 29 -2.07 -1.80 -6.15
N VAL A 30 -3.23 -1.14 -6.14
CA VAL A 30 -4.19 -1.27 -5.05
C VAL A 30 -5.44 -1.93 -5.62
N LEU A 31 -5.79 -3.09 -5.08
CA LEU A 31 -6.96 -3.84 -5.49
C LEU A 31 -8.05 -3.70 -4.43
N VAL A 32 -9.29 -3.50 -4.89
CA VAL A 32 -10.46 -3.49 -4.03
C VAL A 32 -11.39 -4.57 -4.56
N ASN A 33 -11.74 -5.53 -3.69
CA ASN A 33 -12.51 -6.71 -4.09
C ASN A 33 -11.88 -7.41 -5.30
N ASN A 34 -10.56 -7.55 -5.25
CA ASN A 34 -9.77 -8.29 -6.24
C ASN A 34 -9.69 -7.60 -7.60
N GLU A 35 -10.03 -6.32 -7.68
CA GLU A 35 -10.00 -5.58 -8.93
C GLU A 35 -9.18 -4.32 -8.75
N THR A 36 -8.31 -4.03 -9.72
CA THR A 36 -7.43 -2.87 -9.63
C THR A 36 -8.24 -1.59 -9.49
N ALA A 37 -7.94 -0.81 -8.45
CA ALA A 37 -8.60 0.46 -8.20
C ALA A 37 -7.69 1.66 -8.35
N ALA A 38 -6.38 1.46 -8.21
CA ALA A 38 -5.41 2.54 -8.37
C ALA A 38 -4.05 1.93 -8.65
N THR A 39 -3.23 2.66 -9.41
CA THR A 39 -1.88 2.22 -9.72
C THR A 39 -0.96 3.43 -9.64
N PHE A 40 0.11 3.31 -8.88
CA PHE A 40 1.12 4.35 -8.74
C PHE A 40 2.45 3.84 -9.27
N SER A 41 3.22 4.74 -9.87
CA SER A 41 4.55 4.39 -10.35
C SER A 41 5.47 5.59 -10.20
N GLY A 42 6.71 5.33 -9.82
CA GLY A 42 7.69 6.39 -9.69
C GLY A 42 9.00 5.84 -9.18
N GLN A 43 10.02 6.70 -9.23
CA GLN A 43 11.36 6.35 -8.77
C GLN A 43 11.89 7.47 -7.89
N SER A 44 12.39 7.11 -6.71
CA SER A 44 12.99 8.06 -5.79
C SER A 44 13.86 7.29 -4.81
N THR A 45 14.98 7.89 -4.41
CA THR A 45 15.76 7.41 -3.27
C THR A 45 15.63 8.33 -2.07
N ASN A 46 14.67 9.25 -2.09
CA ASN A 46 14.50 10.26 -1.04
C ASN A 46 13.07 10.35 -0.54
N ASN A 47 12.35 9.23 -0.54
CA ASN A 47 11.02 9.13 0.08
C ASN A 47 9.97 9.95 -0.64
N ALA A 48 10.12 10.18 -1.94
CA ALA A 48 9.14 10.98 -2.67
C ALA A 48 7.80 10.25 -2.70
N VAL A 49 6.72 11.03 -2.61
CA VAL A 49 5.38 10.49 -2.78
C VAL A 49 5.17 10.19 -4.26
N ILE A 50 5.00 8.90 -4.58
CA ILE A 50 4.77 8.49 -5.96
C ILE A 50 3.28 8.39 -6.30
N GLY A 51 2.41 8.52 -5.31
CA GLY A 51 0.98 8.52 -5.54
C GLY A 51 0.19 8.69 -4.26
N THR A 52 -0.97 9.35 -4.34
CA THR A 52 -1.89 9.43 -3.22
C THR A 52 -3.29 9.56 -3.77
N GLN A 53 -4.24 8.86 -3.15
CA GLN A 53 -5.59 8.80 -3.70
C GLN A 53 -6.55 8.39 -2.60
N VAL A 54 -7.82 8.75 -2.79
CA VAL A 54 -8.92 8.31 -1.93
C VAL A 54 -9.74 7.28 -2.69
N LEU A 55 -9.99 6.14 -2.05
CA LEU A 55 -10.75 5.05 -2.64
C LEU A 55 -11.86 4.65 -1.69
N ASN A 56 -12.77 3.82 -2.19
CA ASN A 56 -13.86 3.28 -1.38
C ASN A 56 -13.68 1.78 -1.26
N SER A 57 -13.82 1.26 -0.03
CA SER A 57 -13.58 -0.15 0.23
C SER A 57 -14.63 -1.06 -0.38
N GLY A 58 -15.80 -0.52 -0.74
CA GLY A 58 -16.79 -1.30 -1.44
C GLY A 58 -17.53 -2.28 -0.54
N SER A 59 -18.28 -3.17 -1.19
CA SER A 59 -19.14 -4.09 -0.45
C SER A 59 -18.35 -5.14 0.32
N SER A 60 -17.17 -5.52 -0.17
CA SER A 60 -16.39 -6.57 0.48
C SER A 60 -15.45 -6.05 1.54
N GLY A 61 -14.97 -4.81 1.41
CA GLY A 61 -13.96 -4.29 2.30
C GLY A 61 -12.57 -4.84 2.07
N LYS A 62 -12.39 -5.74 1.11
CA LYS A 62 -11.07 -6.34 0.89
C LYS A 62 -10.19 -5.41 0.08
N VAL A 63 -9.05 -5.02 0.66
CA VAL A 63 -8.07 -4.17 0.01
C VAL A 63 -6.74 -4.91 -0.01
N GLN A 64 -6.08 -4.94 -1.17
CA GLN A 64 -4.80 -5.60 -1.30
C GLN A 64 -3.80 -4.67 -1.99
N VAL A 65 -2.60 -4.59 -1.42
CA VAL A 65 -1.50 -3.79 -1.97
C VAL A 65 -0.49 -4.75 -2.58
N GLN A 66 -0.13 -4.49 -3.84
CA GLN A 66 0.91 -5.24 -4.53
C GLN A 66 2.01 -4.27 -4.94
N VAL A 67 3.26 -4.72 -4.83
CA VAL A 67 4.41 -3.92 -5.22
C VAL A 67 5.30 -4.76 -6.13
N SER A 68 5.74 -4.17 -7.25
CA SER A 68 6.61 -4.88 -8.17
C SER A 68 7.56 -3.90 -8.83
N VAL A 69 8.66 -4.43 -9.35
CA VAL A 69 9.61 -3.69 -10.16
C VAL A 69 9.72 -4.41 -11.48
N ASN A 70 9.26 -3.77 -12.55
CA ASN A 70 9.23 -4.37 -13.89
C ASN A 70 8.60 -5.75 -13.89
N GLY A 71 7.49 -5.88 -13.17
CA GLY A 71 6.73 -7.12 -13.12
C GLY A 71 7.22 -8.14 -12.12
N ARG A 72 8.36 -7.92 -11.48
CA ARG A 72 8.86 -8.84 -10.47
C ARG A 72 8.29 -8.45 -9.12
N PRO A 73 7.47 -9.29 -8.48
CA PRO A 73 6.89 -8.91 -7.18
C PRO A 73 7.97 -8.71 -6.13
N SER A 74 7.81 -7.65 -5.34
CA SER A 74 8.68 -7.43 -4.19
C SER A 74 8.20 -8.27 -3.02
N ASP A 75 9.10 -8.51 -2.07
CA ASP A 75 8.72 -9.18 -0.83
C ASP A 75 8.07 -8.15 0.10
N LEU A 76 6.88 -8.47 0.60
CA LEU A 76 6.11 -7.52 1.39
C LEU A 76 6.13 -7.84 2.87
N VAL A 77 6.10 -6.78 3.67
CA VAL A 77 5.79 -6.87 5.10
C VAL A 77 4.63 -5.93 5.37
N SER A 78 3.76 -6.29 6.31
CA SER A 78 2.58 -5.47 6.56
C SER A 78 2.06 -5.69 7.97
N ALA A 79 1.23 -4.74 8.41
CA ALA A 79 0.52 -4.82 9.68
C ALA A 79 -0.55 -3.74 9.68
N GLN A 80 -1.57 -3.93 10.51
CA GLN A 80 -2.58 -2.91 10.76
C GLN A 80 -2.50 -2.49 12.23
N VAL A 81 -2.59 -1.19 12.47
CA VAL A 81 -2.56 -0.63 13.81
C VAL A 81 -3.78 0.28 13.99
N ILE A 82 -4.42 0.16 15.14
CA ILE A 82 -5.60 0.95 15.47
C ILE A 82 -5.32 1.72 16.76
N LEU A 83 -5.48 3.05 16.70
CA LEU A 83 -5.28 3.92 17.84
C LEU A 83 -6.63 4.43 18.34
N THR A 84 -6.75 4.50 19.67
CA THR A 84 -7.97 4.88 20.39
C THR A 84 -9.23 4.23 19.82
N ASN A 85 -9.09 2.99 19.35
CA ASN A 85 -10.21 2.20 18.84
C ASN A 85 -10.93 2.86 17.67
N GLU A 86 -10.27 3.78 16.96
CA GLU A 86 -10.96 4.58 15.94
C GLU A 86 -10.10 4.85 14.71
N LEU A 87 -8.83 5.14 14.91
CA LEU A 87 -7.95 5.58 13.83
C LEU A 87 -7.14 4.39 13.34
N ASN A 88 -7.24 4.09 12.05
CA ASN A 88 -6.67 2.87 11.47
C ASN A 88 -5.54 3.20 10.52
N PHE A 89 -4.43 2.46 10.65
CA PHE A 89 -3.34 2.48 9.69
C PHE A 89 -3.10 1.07 9.19
N ALA A 90 -3.08 0.90 7.87
CA ALA A 90 -2.63 -0.33 7.24
C ALA A 90 -1.31 -0.01 6.56
N LEU A 91 -0.25 -0.69 6.98
CA LEU A 91 1.11 -0.33 6.61
C LEU A 91 1.74 -1.44 5.80
N VAL A 92 2.44 -1.06 4.73
CA VAL A 92 3.13 -2.01 3.86
C VAL A 92 4.56 -1.51 3.62
N GLY A 93 5.53 -2.40 3.79
CA GLY A 93 6.88 -2.19 3.30
C GLY A 93 7.22 -3.23 2.26
N SER A 94 8.24 -2.97 1.46
CA SER A 94 8.56 -3.91 0.38
C SER A 94 10.05 -3.87 0.10
N GLU A 95 10.58 -5.04 -0.29
CA GLU A 95 11.99 -5.20 -0.62
C GLU A 95 12.10 -5.71 -2.04
N ASP A 96 12.81 -4.97 -2.88
CA ASP A 96 13.02 -5.32 -4.28
C ASP A 96 14.39 -5.95 -4.54
N GLY A 97 15.22 -6.09 -3.52
CA GLY A 97 16.61 -6.53 -3.70
C GLY A 97 17.11 -7.33 -2.54
N THR A 98 18.36 -7.07 -2.13
CA THR A 98 19.06 -7.91 -1.18
C THR A 98 19.45 -7.22 0.12
N ASP A 99 19.33 -5.90 0.22
CA ASP A 99 19.79 -5.22 1.43
C ASP A 99 18.79 -5.26 2.57
N ASN A 100 17.55 -5.66 2.31
CA ASN A 100 16.55 -5.88 3.36
C ASN A 100 16.26 -4.63 4.19
N ASP A 101 16.22 -3.48 3.54
CA ASP A 101 15.72 -2.30 4.24
C ASP A 101 14.21 -2.19 4.20
N TYR A 102 13.55 -2.92 3.30
CA TYR A 102 12.09 -3.02 3.22
C TYR A 102 11.39 -1.66 3.05
N ASN A 103 12.10 -0.67 2.51
CA ASN A 103 11.54 0.66 2.31
C ASN A 103 11.40 1.01 0.84
N ASP A 104 11.66 0.05 -0.06
CA ASP A 104 11.80 0.38 -1.48
C ASP A 104 10.53 1.00 -2.04
N ALA A 105 9.38 0.45 -1.67
CA ALA A 105 8.11 1.16 -1.72
C ALA A 105 7.44 1.00 -0.37
N VAL A 106 7.03 2.12 0.22
CA VAL A 106 6.30 2.14 1.48
C VAL A 106 4.89 2.63 1.19
N VAL A 107 3.90 1.89 1.65
CA VAL A 107 2.50 2.22 1.39
C VAL A 107 1.77 2.39 2.71
N VAL A 108 1.05 3.50 2.85
CA VAL A 108 0.25 3.77 4.03
C VAL A 108 -1.21 3.92 3.61
N ILE A 109 -2.07 3.11 4.20
CA ILE A 109 -3.52 3.22 4.05
C ILE A 109 -4.07 3.74 5.38
N ASN A 110 -4.96 4.73 5.32
CA ASN A 110 -5.50 5.29 6.56
C ASN A 110 -7.00 5.53 6.42
N TRP A 111 -7.73 5.28 7.51
CA TRP A 111 -9.15 5.54 7.57
C TRP A 111 -9.55 5.66 9.04
N PRO A 112 -10.69 6.32 9.34
CA PRO A 112 -11.64 6.95 8.43
C PRO A 112 -11.13 8.30 7.93
N LEU A 113 -11.76 8.80 6.89
CA LEU A 113 -11.47 10.12 6.36
C LEU A 113 -12.58 11.08 6.76
N GLY A 114 -12.41 12.35 6.43
CA GLY A 114 -13.45 13.33 6.61
C GLY A 114 -13.40 14.08 7.93
#